data_7NJB
#
_entry.id   7NJB
#
_cell.length_a   82.433
_cell.length_b   112.139
_cell.length_c   62.499
_cell.angle_alpha   90.000
_cell.angle_beta   90.000
_cell.angle_gamma   90.000
#
_symmetry.space_group_name_H-M   'C 2 2 21'
#
loop_
_entity.id
_entity.type
_entity.pdbx_description
1 polymer '14-3-3 protein sigma'
2 polymer 'Transcription factor p65'
3 non-polymer GLYCEROL
4 non-polymer 'CHLORIDE ION'
5 non-polymer 4-piperidin-1-ylsulfonylbenzaldehyde
6 water water
#
loop_
_entity_poly.entity_id
_entity_poly.type
_entity_poly.pdbx_seq_one_letter_code
_entity_poly.pdbx_strand_id
1 'polypeptide(L)'
;GAMGSMERASLIQKAKLAEQAERYEDMAAFMKGAVEKGEELS(CSO)EERNLLSVAYKNVVGGQRAAWRVLSSIEQKSNE
EGSEEKGPEVREYREKVETELQGVCDTVLGLLDSHLIKEAGDAESRVFYLKMKGDYYRYLAEVATGDDKKRIIDSARSAY
QEAMDISKKEMPPTNPIRLGLALNFSVFHYEIANSPEEAISLAKTTFDEAMADLHTLSEDSYKDSTLIMQLLRDNLTLWT
ADNAGEEGGEAPQEPQS
;
A
2 'polypeptide(L)' EGRSAG(SEP)IPGRRS P
#
loop_
_chem_comp.id
_chem_comp.type
_chem_comp.name
_chem_comp.formula
CL non-polymer 'CHLORIDE ION' 'Cl -1'
GOL non-polymer GLYCEROL 'C3 H8 O3'
UG8 non-polymer 4-piperidin-1-ylsulfonylbenzaldehyde 'C12 H15 N O3 S'
#
# COMPACT_ATOMS: atom_id res chain seq x y z
N MET A 3 2.11 6.05 22.70
CA MET A 3 1.74 4.78 23.29
C MET A 3 2.89 4.22 24.07
N GLY A 4 3.81 5.07 24.48
CA GLY A 4 5.04 4.60 25.08
C GLY A 4 4.86 3.84 26.38
N SER A 5 3.77 4.10 27.11
CA SER A 5 3.58 3.40 28.37
C SER A 5 2.80 2.10 28.24
N MET A 6 2.33 1.74 27.05
CA MET A 6 1.56 0.52 26.93
C MET A 6 2.46 -0.61 26.43
N GLU A 7 2.27 -1.80 26.98
CA GLU A 7 3.05 -2.95 26.53
C GLU A 7 2.87 -3.24 25.05
N ARG A 8 3.94 -3.72 24.40
CA ARG A 8 3.84 -4.12 23.01
C ARG A 8 2.69 -5.10 22.79
N ALA A 9 2.57 -6.12 23.64
CA ALA A 9 1.59 -7.14 23.36
C ALA A 9 0.18 -6.58 23.52
N SER A 10 0.01 -5.62 24.43
CA SER A 10 -1.29 -4.96 24.62
C SER A 10 -1.65 -4.08 23.44
N LEU A 11 -0.66 -3.40 22.85
CA LEU A 11 -0.91 -2.63 21.62
C LEU A 11 -1.37 -3.54 20.50
N ILE A 12 -0.72 -4.70 20.34
CA ILE A 12 -1.12 -5.62 19.28
C ILE A 12 -2.53 -6.16 19.52
N GLN A 13 -2.81 -6.53 20.78
CA GLN A 13 -4.15 -7.01 21.12
C GLN A 13 -5.20 -5.94 20.82
N LYS A 14 -4.92 -4.69 21.21
CA LYS A 14 -5.87 -3.59 20.95
C LYS A 14 -5.99 -3.29 19.48
N ALA A 15 -4.91 -3.43 18.69
CA ALA A 15 -5.05 -3.23 17.25
C ALA A 15 -6.02 -4.25 16.67
N LYS A 16 -5.99 -5.49 17.18
CA LYS A 16 -6.91 -6.50 16.66
C LYS A 16 -8.35 -6.18 17.05
N LEU A 17 -8.54 -5.70 18.27
CA LEU A 17 -9.87 -5.27 18.71
C LEU A 17 -10.36 -4.10 17.89
N ALA A 18 -9.47 -3.12 17.67
CA ALA A 18 -9.87 -1.95 16.87
C ALA A 18 -10.28 -2.37 15.46
N GLU A 19 -9.56 -3.33 14.84
CA GLU A 19 -10.01 -3.82 13.54
C GLU A 19 -11.43 -4.40 13.63
N GLN A 20 -11.70 -5.23 14.64
CA GLN A 20 -13.05 -5.80 14.76
C GLN A 20 -14.11 -4.73 14.94
N ALA A 21 -13.77 -3.64 15.62
CA ALA A 21 -14.67 -2.53 15.87
C ALA A 21 -14.70 -1.52 14.72
N GLU A 22 -13.91 -1.77 13.66
CA GLU A 22 -13.81 -0.85 12.52
C GLU A 22 -13.34 0.54 12.94
N ARG A 23 -12.42 0.57 13.89
CA ARG A 23 -11.85 1.80 14.42
C ARG A 23 -10.41 1.87 13.89
N TYR A 24 -10.30 2.25 12.61
CA TYR A 24 -9.01 2.12 11.94
C TYR A 24 -8.00 3.18 12.35
N GLU A 25 -8.45 4.38 12.68
N GLU A 25 -8.45 4.38 12.68
CA GLU A 25 -7.53 5.37 13.25
CA GLU A 25 -7.55 5.37 13.24
C GLU A 25 -6.91 4.85 14.54
C GLU A 25 -6.91 4.86 14.53
N ASP A 26 -7.73 4.30 15.43
CA ASP A 26 -7.16 3.71 16.64
C ASP A 26 -6.22 2.57 16.29
N MET A 27 -6.63 1.72 15.35
CA MET A 27 -5.79 0.59 14.99
C MET A 27 -4.43 1.05 14.49
N ALA A 28 -4.40 2.10 13.68
CA ALA A 28 -3.14 2.59 13.19
C ALA A 28 -2.30 3.17 14.32
N ALA A 29 -2.94 3.88 15.27
CA ALA A 29 -2.18 4.43 16.37
C ALA A 29 -1.59 3.31 17.25
N PHE A 30 -2.34 2.23 17.50
CA PHE A 30 -1.82 1.11 18.26
C PHE A 30 -0.64 0.48 17.53
N MET A 31 -0.76 0.29 16.20
CA MET A 31 0.32 -0.34 15.48
C MET A 31 1.53 0.57 15.35
N LYS A 32 1.34 1.90 15.21
CA LYS A 32 2.48 2.80 15.29
C LYS A 32 3.21 2.64 16.63
N GLY A 33 2.44 2.60 17.72
CA GLY A 33 3.05 2.40 19.04
C GLY A 33 3.82 1.09 19.08
N ALA A 34 3.26 0.02 18.49
CA ALA A 34 3.97 -1.25 18.48
C ALA A 34 5.27 -1.16 17.68
N VAL A 35 5.25 -0.52 16.50
CA VAL A 35 6.48 -0.39 15.74
C VAL A 35 7.51 0.37 16.55
N GLU A 36 7.08 1.41 17.23
CA GLU A 36 8.03 2.25 17.96
C GLU A 36 8.63 1.57 19.17
N LYS A 37 8.16 0.38 19.54
CA LYS A 37 8.86 -0.38 20.55
C LYS A 37 10.24 -0.81 20.07
N GLY A 38 10.47 -0.84 18.76
CA GLY A 38 11.79 -1.08 18.24
C GLY A 38 12.07 -2.49 17.81
N GLU A 39 11.21 -3.44 18.13
N GLU A 39 11.19 -3.44 18.11
CA GLU A 39 11.39 -4.82 17.70
CA GLU A 39 11.36 -4.82 17.71
C GLU A 39 10.84 -5.00 16.29
C GLU A 39 10.83 -5.02 16.30
N GLU A 40 11.39 -5.97 15.58
CA GLU A 40 10.85 -6.35 14.27
C GLU A 40 9.41 -6.87 14.43
N LEU A 41 8.64 -6.82 13.34
CA LEU A 41 7.25 -7.26 13.32
C LEU A 41 7.17 -8.65 12.70
N SER A 42 6.31 -9.47 13.26
CA SER A 42 5.99 -10.75 12.65
C SER A 42 5.12 -10.56 11.39
N CSO A 43 4.85 -11.65 10.67
CA CSO A 43 4.02 -11.55 9.51
CB CSO A 43 3.90 -12.96 8.93
SG CSO A 43 2.90 -13.05 7.45
C CSO A 43 2.64 -10.99 9.86
O CSO A 43 2.13 -10.07 9.21
OD CSO A 43 1.20 -13.29 7.94
N GLU A 44 2.02 -11.52 10.91
CA GLU A 44 0.68 -11.09 11.23
C GLU A 44 0.71 -9.61 11.68
N GLU A 45 1.76 -9.22 12.41
CA GLU A 45 1.86 -7.82 12.86
C GLU A 45 2.06 -6.87 11.68
N ARG A 46 2.86 -7.28 10.67
CA ARG A 46 3.02 -6.45 9.47
C ARG A 46 1.68 -6.26 8.80
N ASN A 47 0.85 -7.31 8.74
CA ASN A 47 -0.45 -7.19 8.13
C ASN A 47 -1.33 -6.26 8.93
N LEU A 48 -1.25 -6.29 10.26
CA LEU A 48 -2.06 -5.36 11.04
C LEU A 48 -1.66 -3.93 10.77
N LEU A 49 -0.36 -3.67 10.69
CA LEU A 49 0.11 -2.32 10.40
C LEU A 49 -0.42 -1.86 9.03
N SER A 50 -0.30 -2.73 8.03
CA SER A 50 -0.70 -2.35 6.69
C SER A 50 -2.19 -2.16 6.58
N VAL A 51 -2.99 -3.03 7.16
CA VAL A 51 -4.45 -2.91 7.11
C VAL A 51 -4.86 -1.60 7.75
N ALA A 52 -4.29 -1.26 8.90
CA ALA A 52 -4.70 -0.07 9.62
C ALA A 52 -4.50 1.16 8.77
N TYR A 53 -3.28 1.35 8.26
CA TYR A 53 -2.99 2.54 7.48
C TYR A 53 -3.68 2.52 6.14
N LYS A 54 -3.88 1.36 5.52
CA LYS A 54 -4.56 1.37 4.23
C LYS A 54 -5.97 1.86 4.41
N ASN A 55 -6.64 1.47 5.48
CA ASN A 55 -8.00 1.94 5.72
C ASN A 55 -8.02 3.42 6.03
N VAL A 56 -7.08 3.92 6.84
CA VAL A 56 -7.07 5.34 7.17
C VAL A 56 -6.85 6.15 5.92
N VAL A 57 -5.79 5.84 5.18
N VAL A 57 -5.77 5.86 5.19
CA VAL A 57 -5.48 6.64 4.00
CA VAL A 57 -5.48 6.64 3.98
C VAL A 57 -6.51 6.39 2.91
C VAL A 57 -6.55 6.41 2.92
N GLY A 58 -7.16 5.21 2.86
CA GLY A 58 -8.16 4.97 1.86
C GLY A 58 -9.37 5.87 2.04
N GLY A 59 -9.75 6.14 3.30
CA GLY A 59 -10.86 7.06 3.52
C GLY A 59 -10.45 8.48 3.17
N GLN A 60 -9.20 8.85 3.49
CA GLN A 60 -8.74 10.19 3.12
C GLN A 60 -8.70 10.37 1.62
N ARG A 61 -8.23 9.37 0.88
CA ARG A 61 -8.17 9.46 -0.56
C ARG A 61 -9.56 9.59 -1.15
N ALA A 62 -10.50 8.82 -0.64
CA ALA A 62 -11.85 8.91 -1.18
C ALA A 62 -12.42 10.29 -0.94
N ALA A 63 -12.18 10.88 0.23
CA ALA A 63 -12.68 12.22 0.52
C ALA A 63 -11.98 13.26 -0.36
N TRP A 64 -10.66 13.13 -0.53
CA TRP A 64 -9.92 14.04 -1.39
C TRP A 64 -10.45 13.99 -2.81
N ARG A 65 -10.82 12.81 -3.31
CA ARG A 65 -11.31 12.72 -4.68
C ARG A 65 -12.67 13.39 -4.80
N VAL A 66 -13.52 13.26 -3.79
CA VAL A 66 -14.81 13.94 -3.82
C VAL A 66 -14.62 15.45 -3.87
N LEU A 67 -13.77 15.95 -2.99
CA LEU A 67 -13.53 17.38 -2.91
C LEU A 67 -12.83 17.91 -4.15
N SER A 68 -11.85 17.16 -4.68
CA SER A 68 -11.16 17.59 -5.90
C SER A 68 -12.12 17.68 -7.06
N SER A 69 -13.07 16.75 -7.14
CA SER A 69 -14.07 16.79 -8.21
C SER A 69 -14.97 18.01 -8.06
N ILE A 70 -15.40 18.32 -6.85
CA ILE A 70 -16.22 19.53 -6.64
C ILE A 70 -15.42 20.78 -7.02
N GLU A 71 -14.14 20.81 -6.65
CA GLU A 71 -13.28 21.96 -6.92
C GLU A 71 -13.08 22.15 -8.42
N GLN A 72 -12.88 21.07 -9.15
CA GLN A 72 -12.70 21.17 -10.60
C GLN A 72 -13.97 21.66 -11.28
N LYS A 73 -15.13 21.17 -10.85
CA LYS A 73 -16.38 21.69 -11.40
C LYS A 73 -16.53 23.18 -11.15
N SER A 74 -16.17 23.63 -9.93
CA SER A 74 -16.29 25.05 -9.60
C SER A 74 -15.33 25.92 -10.41
N ASN A 75 -14.28 25.35 -11.00
CA ASN A 75 -13.35 26.08 -11.85
C ASN A 75 -13.62 25.88 -13.33
N GLU A 76 -14.86 25.59 -13.70
CA GLU A 76 -15.21 25.38 -15.11
C GLU A 76 -15.99 26.55 -15.69
N GLY A 83 -16.30 31.05 -3.62
CA GLY A 83 -15.35 31.49 -2.62
C GLY A 83 -14.22 30.49 -2.42
N PRO A 84 -13.38 30.72 -1.42
CA PRO A 84 -12.21 29.85 -1.20
C PRO A 84 -12.52 28.54 -0.48
N GLU A 85 -13.76 28.26 -0.09
CA GLU A 85 -14.03 27.20 0.88
C GLU A 85 -13.71 25.81 0.32
N VAL A 86 -14.06 25.54 -0.94
CA VAL A 86 -13.83 24.18 -1.46
C VAL A 86 -12.34 23.91 -1.53
N ARG A 87 -11.58 24.86 -2.06
CA ARG A 87 -10.13 24.69 -2.10
C ARG A 87 -9.55 24.59 -0.71
N GLU A 88 -10.00 25.43 0.23
CA GLU A 88 -9.47 25.36 1.58
C GLU A 88 -9.71 23.98 2.19
N TYR A 89 -10.91 23.45 2.01
CA TYR A 89 -11.24 22.18 2.65
C TYR A 89 -10.55 21.01 1.94
N ARG A 90 -10.45 21.06 0.60
CA ARG A 90 -9.64 20.06 -0.09
C ARG A 90 -8.19 20.10 0.39
N GLU A 91 -7.65 21.30 0.61
CA GLU A 91 -6.30 21.44 1.11
C GLU A 91 -6.16 20.88 2.52
N LYS A 92 -7.18 21.05 3.35
CA LYS A 92 -7.10 20.51 4.70
C LYS A 92 -7.04 18.99 4.65
N VAL A 93 -7.92 18.37 3.87
CA VAL A 93 -7.91 16.91 3.75
C VAL A 93 -6.60 16.46 3.13
N GLU A 94 -6.11 17.18 2.14
CA GLU A 94 -4.87 16.82 1.49
C GLU A 94 -3.71 16.85 2.48
N THR A 95 -3.66 17.85 3.35
CA THR A 95 -2.56 17.96 4.29
C THR A 95 -2.62 16.82 5.29
N GLU A 96 -3.84 16.43 5.69
N GLU A 96 -3.83 16.45 5.70
CA GLU A 96 -3.97 15.33 6.64
CA GLU A 96 -3.99 15.35 6.64
C GLU A 96 -3.57 14.01 6.01
C GLU A 96 -3.54 14.04 6.00
N LEU A 97 -3.96 13.80 4.74
CA LEU A 97 -3.50 12.63 4.00
C LEU A 97 -1.99 12.59 3.89
N GLN A 98 -1.36 13.71 3.52
CA GLN A 98 0.08 13.74 3.41
C GLN A 98 0.72 13.44 4.75
N GLY A 99 0.14 13.92 5.84
CA GLY A 99 0.71 13.64 7.14
C GLY A 99 0.66 12.17 7.49
N VAL A 100 -0.43 11.49 7.15
CA VAL A 100 -0.48 10.04 7.40
C VAL A 100 0.54 9.32 6.54
N CYS A 101 0.67 9.69 5.25
CA CYS A 101 1.66 9.03 4.42
C CYS A 101 3.06 9.26 4.94
N ASP A 102 3.37 10.49 5.37
CA ASP A 102 4.67 10.78 5.98
C ASP A 102 4.89 9.98 7.24
N THR A 103 3.84 9.77 8.03
CA THR A 103 4.02 8.96 9.24
C THR A 103 4.38 7.53 8.88
N VAL A 104 3.67 6.92 7.94
CA VAL A 104 3.98 5.54 7.55
C VAL A 104 5.38 5.46 6.96
N LEU A 105 5.72 6.40 6.06
CA LEU A 105 7.05 6.39 5.48
C LEU A 105 8.11 6.53 6.57
N GLY A 106 7.82 7.33 7.60
CA GLY A 106 8.80 7.48 8.67
C GLY A 106 8.97 6.22 9.48
N LEU A 107 7.89 5.46 9.70
CA LEU A 107 8.04 4.15 10.36
C LEU A 107 8.89 3.22 9.52
N LEU A 108 8.66 3.21 8.21
CA LEU A 108 9.44 2.34 7.36
C LEU A 108 10.91 2.73 7.37
N ASP A 109 11.20 4.02 7.42
CA ASP A 109 12.57 4.49 7.41
C ASP A 109 13.22 4.44 8.79
N SER A 110 12.43 4.35 9.85
CA SER A 110 12.96 4.38 11.23
C SER A 110 12.20 3.37 12.08
N HIS A 111 12.53 2.08 11.97
CA HIS A 111 13.67 1.51 11.22
C HIS A 111 13.27 0.18 10.59
N LEU A 112 12.02 0.08 10.12
CA LEU A 112 11.52 -1.24 9.69
C LEU A 112 12.28 -1.80 8.49
N ILE A 113 12.55 -1.00 7.46
CA ILE A 113 13.21 -1.54 6.28
C ILE A 113 14.64 -1.96 6.60
N LYS A 114 15.39 -1.12 7.29
CA LYS A 114 16.80 -1.45 7.46
C LYS A 114 16.99 -2.70 8.30
N GLU A 115 16.03 -3.04 9.15
CA GLU A 115 16.18 -4.24 9.95
C GLU A 115 15.57 -5.46 9.26
N ALA A 116 14.93 -5.28 8.10
CA ALA A 116 14.22 -6.39 7.43
C ALA A 116 15.18 -7.12 6.50
N GLY A 117 15.55 -8.34 6.88
CA GLY A 117 16.52 -9.13 6.10
C GLY A 117 15.89 -10.27 5.35
N ASP A 118 14.79 -10.79 5.84
CA ASP A 118 14.17 -11.86 5.08
C ASP A 118 13.39 -11.27 3.92
N ALA A 119 13.33 -12.01 2.83
CA ALA A 119 12.66 -11.49 1.63
C ALA A 119 11.22 -11.13 1.93
N GLU A 120 10.52 -11.92 2.72
CA GLU A 120 9.11 -11.67 2.94
C GLU A 120 8.90 -10.34 3.66
N SER A 121 9.74 -10.03 4.63
N SER A 121 9.74 -10.04 4.65
CA SER A 121 9.54 -8.76 5.32
CA SER A 121 9.59 -8.76 5.34
C SER A 121 10.04 -7.60 4.48
C SER A 121 10.02 -7.61 4.45
N ARG A 122 11.19 -7.73 3.83
CA ARG A 122 11.75 -6.63 3.09
C ARG A 122 10.88 -6.26 1.89
N VAL A 123 10.38 -7.26 1.16
CA VAL A 123 9.46 -6.98 0.06
C VAL A 123 8.19 -6.32 0.57
N PHE A 124 7.62 -6.83 1.68
CA PHE A 124 6.41 -6.23 2.23
C PHE A 124 6.62 -4.76 2.52
N TYR A 125 7.71 -4.41 3.19
CA TYR A 125 7.91 -3.01 3.57
C TYR A 125 8.22 -2.14 2.37
N LEU A 126 8.98 -2.64 1.40
CA LEU A 126 9.26 -1.84 0.21
C LEU A 126 8.00 -1.63 -0.63
N LYS A 127 7.12 -2.63 -0.71
CA LYS A 127 5.82 -2.43 -1.35
C LYS A 127 5.04 -1.34 -0.62
N MET A 128 5.04 -1.35 0.73
CA MET A 128 4.34 -0.29 1.44
C MET A 128 4.97 1.06 1.11
N LYS A 129 6.30 1.14 1.05
CA LYS A 129 6.95 2.39 0.73
C LYS A 129 6.50 2.88 -0.64
N GLY A 130 6.47 1.99 -1.64
CA GLY A 130 5.96 2.38 -2.95
C GLY A 130 4.52 2.87 -2.90
N ASP A 131 3.67 2.17 -2.16
CA ASP A 131 2.25 2.55 -2.04
C ASP A 131 2.09 3.94 -1.45
N TYR A 132 2.82 4.23 -0.35
CA TYR A 132 2.57 5.53 0.32
C TYR A 132 3.19 6.66 -0.48
N TYR A 133 4.30 6.44 -1.20
CA TYR A 133 4.73 7.47 -2.15
C TYR A 133 3.72 7.61 -3.29
N ARG A 134 3.10 6.50 -3.73
CA ARG A 134 2.08 6.61 -4.76
C ARG A 134 0.90 7.45 -4.29
N TYR A 135 0.45 7.28 -3.05
CA TYR A 135 -0.62 8.12 -2.54
C TYR A 135 -0.19 9.58 -2.45
N LEU A 136 1.07 9.85 -2.04
CA LEU A 136 1.56 11.24 -2.12
C LEU A 136 1.51 11.74 -3.56
N ALA A 137 1.86 10.88 -4.53
CA ALA A 137 1.92 11.32 -5.93
C ALA A 137 0.55 11.66 -6.45
N GLU A 138 -0.49 10.99 -5.96
CA GLU A 138 -1.85 11.23 -6.43
C GLU A 138 -2.27 12.68 -6.18
N VAL A 139 -1.74 13.31 -5.13
CA VAL A 139 -2.13 14.68 -4.76
C VAL A 139 -1.05 15.70 -5.06
N ALA A 140 0.07 15.27 -5.58
CA ALA A 140 1.18 16.16 -5.84
C ALA A 140 0.98 16.89 -7.17
N THR A 141 1.46 18.14 -7.21
CA THR A 141 1.32 18.97 -8.40
C THR A 141 2.66 19.61 -8.75
N GLY A 142 3.26 19.17 -9.87
CA GLY A 142 4.41 19.86 -10.44
C GLY A 142 5.72 19.09 -10.45
N ASP A 143 6.83 19.80 -10.15
CA ASP A 143 8.14 19.15 -10.18
C ASP A 143 8.36 18.28 -8.95
N ASP A 144 7.87 18.70 -7.77
CA ASP A 144 7.92 17.78 -6.65
C ASP A 144 7.10 16.53 -6.94
N LYS A 145 6.12 16.60 -7.82
CA LYS A 145 5.47 15.38 -8.25
C LYS A 145 6.51 14.44 -8.87
N LYS A 146 7.49 14.97 -9.59
CA LYS A 146 8.44 14.10 -10.27
C LYS A 146 9.28 13.32 -9.27
N ARG A 147 9.77 14.00 -8.22
CA ARG A 147 10.64 13.30 -7.28
C ARG A 147 9.82 12.29 -6.47
N ILE A 148 8.56 12.62 -6.16
CA ILE A 148 7.73 11.69 -5.41
C ILE A 148 7.45 10.46 -6.25
N ILE A 149 7.15 10.65 -7.55
CA ILE A 149 6.93 9.54 -8.45
C ILE A 149 8.17 8.68 -8.54
N ASP A 150 9.35 9.29 -8.61
CA ASP A 150 10.54 8.47 -8.68
C ASP A 150 10.79 7.69 -7.39
N SER A 151 10.44 8.27 -6.24
CA SER A 151 10.59 7.54 -4.98
C SER A 151 9.67 6.33 -4.95
N ALA A 152 8.43 6.47 -5.44
CA ALA A 152 7.54 5.30 -5.51
C ALA A 152 8.15 4.25 -6.43
N ARG A 153 8.57 4.67 -7.62
N ARG A 153 8.57 4.67 -7.62
CA ARG A 153 9.11 3.75 -8.60
CA ARG A 153 9.09 3.73 -8.60
C ARG A 153 10.29 2.99 -8.03
C ARG A 153 10.29 2.99 -8.04
N SER A 154 11.20 3.70 -7.38
CA SER A 154 12.41 3.09 -6.85
C SER A 154 12.08 2.03 -5.79
N ALA A 155 11.13 2.34 -4.90
CA ALA A 155 10.75 1.37 -3.87
C ALA A 155 10.11 0.13 -4.49
N TYR A 156 9.16 0.34 -5.40
CA TYR A 156 8.54 -0.80 -6.08
C TYR A 156 9.55 -1.63 -6.85
N GLN A 157 10.51 -0.97 -7.50
CA GLN A 157 11.48 -1.71 -8.31
C GLN A 157 12.40 -2.54 -7.43
N GLU A 158 12.85 -1.99 -6.30
CA GLU A 158 13.68 -2.81 -5.41
C GLU A 158 12.90 -3.99 -4.90
N ALA A 159 11.63 -3.78 -4.53
CA ALA A 159 10.79 -4.89 -4.07
C ALA A 159 10.61 -5.93 -5.18
N MET A 160 10.44 -5.48 -6.42
CA MET A 160 10.25 -6.40 -7.53
C MET A 160 11.50 -7.24 -7.72
N ASP A 161 12.66 -6.57 -7.67
CA ASP A 161 13.91 -7.31 -7.90
C ASP A 161 14.09 -8.41 -6.84
N ILE A 162 13.83 -8.08 -5.56
CA ILE A 162 13.97 -9.09 -4.52
C ILE A 162 12.94 -10.20 -4.73
N SER A 163 11.68 -9.82 -5.03
CA SER A 163 10.61 -10.81 -5.10
C SER A 163 10.88 -11.81 -6.23
N LYS A 164 11.42 -11.34 -7.34
CA LYS A 164 11.65 -12.25 -8.46
C LYS A 164 12.79 -13.20 -8.16
N LYS A 165 13.78 -12.78 -7.37
CA LYS A 165 14.88 -13.66 -6.98
C LYS A 165 14.52 -14.62 -5.87
N GLU A 166 13.66 -14.20 -4.91
CA GLU A 166 13.50 -14.94 -3.67
C GLU A 166 12.14 -15.56 -3.45
N MET A 167 11.12 -15.22 -4.22
CA MET A 167 9.80 -15.77 -3.98
C MET A 167 9.25 -16.45 -5.23
N PRO A 168 8.39 -17.46 -5.04
CA PRO A 168 7.76 -18.08 -6.21
C PRO A 168 6.77 -17.12 -6.83
N PRO A 169 6.44 -17.34 -8.09
CA PRO A 169 5.55 -16.40 -8.79
C PRO A 169 4.15 -16.40 -8.28
N THR A 170 3.74 -17.36 -7.44
CA THR A 170 2.41 -17.34 -6.84
C THR A 170 2.40 -16.72 -5.44
N ASN A 171 3.54 -16.31 -4.92
CA ASN A 171 3.53 -15.79 -3.55
C ASN A 171 2.59 -14.58 -3.48
N PRO A 172 1.66 -14.54 -2.53
CA PRO A 172 0.69 -13.43 -2.52
C PRO A 172 1.29 -12.04 -2.37
N ILE A 173 2.39 -11.90 -1.61
CA ILE A 173 3.04 -10.60 -1.53
C ILE A 173 3.63 -10.21 -2.87
N ARG A 174 4.32 -11.13 -3.53
CA ARG A 174 4.84 -10.88 -4.87
C ARG A 174 3.73 -10.51 -5.84
N LEU A 175 2.59 -11.19 -5.77
CA LEU A 175 1.49 -10.87 -6.65
C LEU A 175 0.90 -9.51 -6.35
N GLY A 176 0.69 -9.19 -5.05
CA GLY A 176 0.12 -7.90 -4.72
C GLY A 176 1.05 -6.75 -5.04
N LEU A 177 2.36 -6.98 -4.87
CA LEU A 177 3.35 -5.99 -5.31
C LEU A 177 3.23 -5.73 -6.79
N ALA A 178 3.16 -6.77 -7.60
CA ALA A 178 3.07 -6.58 -9.04
C ALA A 178 1.77 -5.90 -9.41
N LEU A 179 0.66 -6.28 -8.73
CA LEU A 179 -0.61 -5.60 -8.99
C LEU A 179 -0.46 -4.10 -8.74
N ASN A 180 0.07 -3.73 -7.56
CA ASN A 180 0.10 -2.32 -7.20
C ASN A 180 1.12 -1.56 -8.05
N PHE A 181 2.24 -2.19 -8.44
CA PHE A 181 3.19 -1.54 -9.34
C PHE A 181 2.57 -1.33 -10.70
N SER A 182 1.73 -2.28 -11.16
CA SER A 182 1.03 -2.07 -12.44
C SER A 182 0.07 -0.91 -12.35
N VAL A 183 -0.64 -0.77 -11.22
CA VAL A 183 -1.50 0.41 -11.02
C VAL A 183 -0.68 1.69 -11.02
N PHE A 184 0.46 1.70 -10.35
CA PHE A 184 1.38 2.83 -10.43
C PHE A 184 1.68 3.18 -11.89
N HIS A 185 2.05 2.17 -12.72
CA HIS A 185 2.39 2.48 -14.10
C HIS A 185 1.21 3.09 -14.83
N TYR A 186 0.00 2.55 -14.60
CA TYR A 186 -1.17 2.98 -15.35
C TYR A 186 -1.64 4.35 -14.89
N GLU A 187 -1.69 4.55 -13.58
CA GLU A 187 -2.40 5.71 -13.02
C GLU A 187 -1.48 6.86 -12.71
N ILE A 188 -0.23 6.62 -12.42
CA ILE A 188 0.70 7.65 -11.95
C ILE A 188 1.73 7.97 -13.01
N ALA A 189 2.39 6.93 -13.57
CA ALA A 189 3.54 7.12 -14.44
C ALA A 189 3.15 7.29 -15.89
N ASN A 190 1.87 7.26 -16.22
CA ASN A 190 1.44 7.46 -17.60
C ASN A 190 2.08 6.41 -18.52
N SER A 191 2.14 5.17 -18.04
CA SER A 191 2.78 4.06 -18.77
C SER A 191 1.78 2.91 -18.86
N PRO A 192 0.64 3.10 -19.53
CA PRO A 192 -0.35 2.00 -19.59
C PRO A 192 0.22 0.73 -20.22
N GLU A 193 1.08 0.83 -21.22
CA GLU A 193 1.58 -0.40 -21.84
C GLU A 193 2.46 -1.17 -20.87
N GLU A 194 3.26 -0.49 -20.04
CA GLU A 194 4.03 -1.14 -19.00
C GLU A 194 3.13 -1.79 -17.96
N ALA A 195 2.05 -1.11 -17.60
CA ALA A 195 1.08 -1.67 -16.66
C ALA A 195 0.48 -2.96 -17.19
N ILE A 196 0.07 -2.95 -18.46
CA ILE A 196 -0.55 -4.12 -19.06
C ILE A 196 0.46 -5.25 -19.18
N SER A 197 1.69 -4.95 -19.61
CA SER A 197 2.67 -6.01 -19.77
C SER A 197 2.99 -6.64 -18.41
N LEU A 198 3.14 -5.81 -17.37
CA LEU A 198 3.46 -6.36 -16.04
C LEU A 198 2.30 -7.21 -15.54
N ALA A 199 1.09 -6.75 -15.67
CA ALA A 199 -0.04 -7.55 -15.17
C ALA A 199 -0.15 -8.86 -15.92
N LYS A 200 0.03 -8.84 -17.25
CA LYS A 200 -0.07 -10.08 -18.05
C LYS A 200 1.03 -11.05 -17.67
N THR A 201 2.27 -10.60 -17.63
CA THR A 201 3.36 -11.50 -17.32
C THR A 201 3.21 -12.07 -15.91
N THR A 202 2.80 -11.24 -14.97
CA THR A 202 2.61 -11.71 -13.60
C THR A 202 1.52 -12.76 -13.54
N PHE A 203 0.41 -12.52 -14.24
CA PHE A 203 -0.69 -13.48 -14.25
C PHE A 203 -0.24 -14.81 -14.85
N ASP A 204 0.44 -14.74 -15.98
CA ASP A 204 0.80 -15.95 -16.71
C ASP A 204 1.83 -16.76 -15.92
N GLU A 205 2.77 -16.11 -15.27
CA GLU A 205 3.78 -16.84 -14.55
C GLU A 205 3.19 -17.44 -13.29
N ALA A 206 2.19 -16.79 -12.68
CA ALA A 206 1.50 -17.38 -11.55
C ALA A 206 0.67 -18.59 -11.98
N MET A 207 -0.08 -18.45 -13.08
CA MET A 207 -0.86 -19.58 -13.58
C MET A 207 -0.01 -20.83 -13.70
N ALA A 208 1.18 -20.69 -14.26
CA ALA A 208 2.05 -21.83 -14.49
C ALA A 208 2.64 -22.43 -13.23
N ASP A 209 2.49 -21.77 -12.07
CA ASP A 209 3.03 -22.26 -10.81
C ASP A 209 1.91 -22.73 -9.88
N LEU A 210 0.63 -22.60 -10.27
CA LEU A 210 -0.45 -23.00 -9.39
C LEU A 210 -0.41 -24.50 -9.05
N HIS A 211 0.13 -25.33 -9.94
CA HIS A 211 0.14 -26.78 -9.74
C HIS A 211 0.92 -27.18 -8.49
N THR A 212 1.79 -26.30 -8.01
CA THR A 212 2.66 -26.62 -6.87
C THR A 212 2.00 -26.37 -5.54
N LEU A 213 0.83 -25.77 -5.49
CA LEU A 213 0.21 -25.22 -4.31
C LEU A 213 -0.82 -26.16 -3.71
N SER A 214 -0.94 -26.07 -2.39
CA SER A 214 -2.07 -26.64 -1.67
C SER A 214 -3.37 -25.93 -2.00
N GLU A 215 -4.48 -26.54 -1.60
CA GLU A 215 -5.79 -25.93 -1.80
C GLU A 215 -5.85 -24.53 -1.20
N ASP A 216 -5.31 -24.35 0.02
CA ASP A 216 -5.45 -23.04 0.65
C ASP A 216 -4.55 -22.00 -0.01
N SER A 217 -3.33 -22.38 -0.37
CA SER A 217 -2.45 -21.45 -1.08
C SER A 217 -3.01 -21.13 -2.46
N TYR A 218 -3.58 -22.13 -3.14
CA TYR A 218 -4.25 -21.89 -4.42
C TYR A 218 -5.32 -20.83 -4.29
N LYS A 219 -6.12 -20.89 -3.23
CA LYS A 219 -7.17 -19.91 -3.06
C LYS A 219 -6.59 -18.51 -2.85
N ASP A 220 -5.52 -18.41 -2.04
CA ASP A 220 -4.88 -17.11 -1.83
C ASP A 220 -4.34 -16.54 -3.13
N SER A 221 -3.62 -17.36 -3.91
CA SER A 221 -2.98 -16.84 -5.12
C SER A 221 -4.01 -16.50 -6.20
N THR A 222 -5.01 -17.36 -6.42
CA THR A 222 -5.98 -17.09 -7.47
C THR A 222 -6.82 -15.86 -7.15
N LEU A 223 -7.01 -15.54 -5.88
CA LEU A 223 -7.78 -14.33 -5.58
C LEU A 223 -7.07 -13.10 -6.13
N ILE A 224 -5.75 -13.02 -5.97
CA ILE A 224 -5.01 -11.85 -6.46
C ILE A 224 -4.88 -11.91 -7.95
N MET A 225 -4.71 -13.12 -8.51
CA MET A 225 -4.75 -13.22 -9.97
C MET A 225 -6.00 -12.66 -10.58
N GLN A 226 -7.14 -12.83 -9.91
CA GLN A 226 -8.37 -12.30 -10.47
C GLN A 226 -8.36 -10.79 -10.47
N LEU A 227 -7.75 -10.17 -9.46
CA LEU A 227 -7.57 -8.73 -9.47
C LEU A 227 -6.70 -8.27 -10.63
N LEU A 228 -5.62 -8.98 -10.93
CA LEU A 228 -4.81 -8.64 -12.11
C LEU A 228 -5.65 -8.74 -13.36
N ARG A 229 -6.45 -9.82 -13.46
CA ARG A 229 -7.30 -10.00 -14.63
C ARG A 229 -8.35 -8.89 -14.70
N ASP A 230 -8.92 -8.51 -13.55
CA ASP A 230 -9.91 -7.44 -13.55
C ASP A 230 -9.33 -6.15 -14.11
N ASN A 231 -8.08 -5.84 -13.76
CA ASN A 231 -7.46 -4.64 -14.33
C ASN A 231 -7.20 -4.81 -15.80
N LEU A 232 -6.66 -5.95 -16.22
CA LEU A 232 -6.45 -6.17 -17.64
C LEU A 232 -7.74 -6.01 -18.43
N THR A 233 -8.86 -6.48 -17.87
CA THR A 233 -10.15 -6.31 -18.56
C THR A 233 -10.53 -4.84 -18.67
N LEU A 234 -10.28 -4.06 -17.62
CA LEU A 234 -10.56 -2.63 -17.69
C LEU A 234 -9.61 -1.91 -18.64
N TRP A 235 -8.37 -2.37 -18.79
CA TRP A 235 -7.35 -1.63 -19.53
C TRP A 235 -7.23 -2.02 -20.99
N THR A 236 -7.87 -3.12 -21.39
CA THR A 236 -7.75 -3.62 -22.74
C THR A 236 -9.14 -3.81 -23.39
N ALA B 5 -9.10 1.13 -12.21
CA ALA B 5 -7.99 0.22 -11.89
C ALA B 5 -7.89 -0.01 -10.40
N GLY B 6 -7.94 -1.27 -9.98
CA GLY B 6 -7.87 -1.60 -8.59
C GLY B 6 -6.53 -2.07 -8.07
N SEP B 7 -6.06 -1.46 -6.99
CA SEP B 7 -4.92 -1.98 -6.25
CB SEP B 7 -4.24 -0.83 -5.51
OG SEP B 7 -5.24 -0.27 -4.63
C SEP B 7 -5.40 -3.05 -5.24
O SEP B 7 -6.60 -3.30 -5.13
P SEP B 7 -4.85 1.13 -3.94
O1P SEP B 7 -6.06 1.38 -2.95
O2P SEP B 7 -4.81 2.22 -5.06
O3P SEP B 7 -3.56 0.93 -3.14
N ILE B 8 -4.47 -3.64 -4.50
CA ILE B 8 -4.84 -4.56 -3.42
C ILE B 8 -5.81 -3.85 -2.49
N PRO B 9 -7.00 -4.42 -2.27
CA PRO B 9 -7.91 -3.82 -1.27
C PRO B 9 -7.24 -3.67 0.07
N GLY B 10 -6.70 -4.78 0.60
CA GLY B 10 -5.85 -4.76 1.77
C GLY B 10 -6.44 -4.05 2.97
N ARG B 11 -7.77 -4.07 3.07
CA ARG B 11 -8.48 -3.37 4.15
C ARG B 11 -8.93 -4.30 5.27
N ARG B 12 -8.62 -5.61 5.20
CA ARG B 12 -9.04 -6.59 6.19
C ARG B 12 -7.89 -7.55 6.48
N SER B 13 -7.55 -7.72 7.77
CA SER B 13 -6.43 -8.60 8.14
C SER B 13 -6.87 -10.07 7.97
C1 GOL C . -6.69 -19.49 -11.93
O1 GOL C . -7.49 -20.64 -11.86
C2 GOL C . -7.61 -18.34 -12.19
O2 GOL C . -7.76 -18.18 -13.59
C3 GOL C . -6.92 -17.12 -11.51
O3 GOL C . -7.89 -16.44 -10.67
CL CL D . 16.26 -8.56 10.84
C10 UG8 E . -5.63 -10.56 -0.44
C10 UG8 E . -1.63 -11.00 3.51
C13 UG8 E . -6.41 -8.34 1.01
C13 UG8 E . 0.02 -13.28 2.79
C17 UG8 E . -1.39 -7.26 0.96
C17 UG8 E . -0.38 -8.54 -0.97
C02 UG8 E . 0.07 -6.05 -0.62
C02 UG8 E . 0.37 -6.15 -0.50
C03 UG8 E . -0.74 -7.28 -0.26
C03 UG8 E . -0.46 -7.39 -0.19
C04 UG8 E . -0.79 -8.42 -1.09
C04 UG8 E . -1.30 -7.32 0.93
C05 UG8 E . -1.55 -9.53 -0.71
C05 UG8 E . -2.08 -8.41 1.27
C06 UG8 E . -2.21 -9.49 0.50
C06 UG8 E . -2.01 -9.56 0.50
C11 UG8 E . -7.03 -9.92 -0.58
C11 UG8 E . -0.19 -11.31 3.98
C12 UG8 E . -7.48 -9.19 0.51
C12 UG8 E . -0.05 -12.69 4.12
C14 UG8 E . -5.39 -9.23 1.72
C14 UG8 E . -1.21 -12.97 1.92
C16 UG8 E . -2.13 -8.35 1.35
C16 UG8 E . -1.16 -9.64 -0.62
N09 UG8 E . -4.89 -10.39 0.91
N09 UG8 E . -1.99 -11.72 2.21
O08 UG8 E . -2.85 -12.13 0.31
O08 UG8 E . -4.37 -10.47 1.50
O15 UG8 E . -2.77 -11.17 2.48
O15 UG8 E . -3.37 -11.84 -0.15
S07 UG8 E . -3.20 -10.87 1.07
S07 UG8 E . -3.03 -10.93 1.00
#